data_5H3L
#
_entry.id   5H3L
#
_cell.length_a   86.500
_cell.length_b   86.500
_cell.length_c   132.100
_cell.angle_alpha   90.00
_cell.angle_beta   90.00
_cell.angle_gamma   90.00
#
_symmetry.space_group_name_H-M   'P 43 21 2'
#
loop_
_entity.id
_entity.type
_entity.pdbx_description
1 polymer 'Methylglyoxal synthase'
2 non-polymer 'FORMIC ACID'
3 water water
#
_entity_poly.entity_id   1
_entity_poly.type   'polypeptide(L)'
_entity_poly.pdbx_seq_one_letter_code
;MELTTRTLPARKHIALVAHDH(CME)KQMLINWVKRHQPLLEQHALSATGTTGNLIERETGLNVNAMLSGPMGGDQQVGA
QISEGKIDVLIFFWDPLNAVPHDPDVKALLRLATVWNIPVATNLVTADFIIQSPQFNDPVEILIPDYQRYLADRL
;
_entity_poly.pdbx_strand_id   A,B,C
#
loop_
_chem_comp.id
_chem_comp.type
_chem_comp.name
_chem_comp.formula
FMT non-polymer 'FORMIC ACID' 'C H2 O2'
#
# COMPACT_ATOMS: atom_id res chain seq x y z
N MET A 1 -11.67 23.67 2.76
CA MET A 1 -12.69 22.71 2.38
C MET A 1 -13.64 22.48 3.55
N GLU A 2 -14.88 22.93 3.38
CA GLU A 2 -15.88 22.75 4.42
C GLU A 2 -16.64 21.45 4.18
N LEU A 3 -17.09 20.85 5.28
CA LEU A 3 -17.77 19.56 5.28
C LEU A 3 -19.25 19.74 5.57
N THR A 4 -20.07 18.82 5.04
CA THR A 4 -21.47 18.70 5.41
C THR A 4 -21.69 17.19 5.67
N THR A 5 -22.95 16.75 5.70
CA THR A 5 -23.26 15.34 5.89
C THR A 5 -24.22 14.83 4.82
N ARG A 6 -24.24 13.51 4.64
CA ARG A 6 -25.32 12.84 3.95
C ARG A 6 -25.56 11.49 4.62
N THR A 7 -26.70 10.89 4.35
CA THR A 7 -27.09 9.65 5.01
C THR A 7 -27.20 8.54 3.97
N LEU A 8 -26.40 7.50 4.13
CA LEU A 8 -26.56 6.31 3.32
C LEU A 8 -27.78 5.54 3.82
N PRO A 9 -28.71 5.17 2.96
CA PRO A 9 -29.94 4.50 3.39
C PRO A 9 -29.64 3.14 4.04
N ALA A 10 -30.69 2.58 4.66
CA ALA A 10 -30.55 1.27 5.30
C ALA A 10 -30.28 0.19 4.27
N ARG A 11 -31.04 0.20 3.17
CA ARG A 11 -30.76 -0.62 2.00
C ARG A 11 -29.69 0.08 1.16
N LYS A 12 -28.50 -0.53 1.06
CA LYS A 12 -27.36 0.10 0.41
C LYS A 12 -27.35 -0.22 -1.08
N HIS A 13 -26.80 0.71 -1.89
CA HIS A 13 -26.48 0.42 -3.29
C HIS A 13 -24.99 0.10 -3.36
N ILE A 14 -24.67 -1.16 -3.66
CA ILE A 14 -23.31 -1.70 -3.56
C ILE A 14 -22.79 -1.97 -4.96
N ALA A 15 -21.58 -1.48 -5.25
CA ALA A 15 -20.88 -1.77 -6.50
C ALA A 15 -19.89 -2.90 -6.28
N LEU A 16 -19.90 -3.87 -7.19
CA LEU A 16 -19.10 -5.10 -7.10
C LEU A 16 -18.19 -5.15 -8.32
N VAL A 17 -16.88 -5.00 -8.11
CA VAL A 17 -15.94 -4.73 -9.19
C VAL A 17 -14.67 -5.54 -8.97
N ALA A 18 -14.25 -6.29 -9.98
CA ALA A 18 -13.12 -7.20 -9.80
C ALA A 18 -12.36 -7.39 -11.11
N HIS A 19 -11.03 -7.38 -11.01
CA HIS A 19 -10.15 -7.67 -12.12
C HIS A 19 -10.17 -9.18 -12.43
N ASP A 20 -9.74 -9.53 -13.66
CA ASP A 20 -9.92 -10.86 -14.21
C ASP A 20 -9.46 -11.97 -13.25
N HIS A 21 -8.29 -11.81 -12.66
CA HIS A 21 -7.78 -12.87 -11.80
C HIS A 21 -8.33 -12.79 -10.37
N CME A 22 -9.13 -11.77 -10.10
CA CME A 22 -9.71 -11.59 -8.79
CB CME A 22 -9.45 -10.20 -8.17
SG CME A 22 -7.81 -9.57 -8.30
SD CME A 22 -6.63 -10.51 -6.81
CE CME A 22 -6.02 -12.04 -7.43
CZ CME A 22 -4.96 -11.97 -8.50
OH CME A 22 -3.72 -11.55 -7.94
C CME A 22 -11.22 -11.90 -8.77
O CME A 22 -11.91 -11.83 -7.74
N LYS A 23 -11.74 -12.27 -9.94
CA LYS A 23 -13.17 -12.57 -10.07
C LYS A 23 -13.58 -13.74 -9.18
N GLN A 24 -12.77 -14.79 -9.17
CA GLN A 24 -13.11 -15.94 -8.33
C GLN A 24 -13.10 -15.56 -6.85
N MET A 25 -12.17 -14.69 -6.44
CA MET A 25 -12.15 -14.21 -5.07
C MET A 25 -13.41 -13.43 -4.72
N LEU A 26 -13.91 -12.62 -5.66
CA LEU A 26 -15.13 -11.86 -5.40
C LEU A 26 -16.36 -12.78 -5.31
N ILE A 27 -16.44 -13.82 -6.15
CA ILE A 27 -17.60 -14.69 -6.08
C ILE A 27 -17.59 -15.53 -4.80
N ASN A 28 -16.41 -15.98 -4.33
CA ASN A 28 -16.34 -16.63 -3.01
C ASN A 28 -16.97 -15.75 -1.94
N TRP A 29 -16.61 -14.45 -1.94
CA TRP A 29 -17.14 -13.50 -0.97
C TRP A 29 -18.65 -13.32 -1.14
N VAL A 30 -19.11 -13.16 -2.39
CA VAL A 30 -20.54 -13.05 -2.65
C VAL A 30 -21.26 -14.31 -2.19
N LYS A 31 -20.66 -15.48 -2.38
CA LYS A 31 -21.29 -16.73 -1.96
C LYS A 31 -21.49 -16.79 -0.45
N ARG A 32 -20.46 -16.42 0.32
N ARG A 32 -20.47 -16.42 0.34
CA ARG A 32 -20.56 -16.50 1.78
CA ARG A 32 -20.67 -16.57 1.78
C ARG A 32 -21.60 -15.52 2.34
C ARG A 32 -21.57 -15.50 2.37
N HIS A 33 -21.76 -14.36 1.70
CA HIS A 33 -22.57 -13.28 2.22
C HIS A 33 -23.90 -13.13 1.48
N GLN A 34 -24.27 -14.11 0.65
CA GLN A 34 -25.53 -14.04 -0.09
C GLN A 34 -26.74 -13.77 0.79
N PRO A 35 -26.93 -14.42 1.95
CA PRO A 35 -28.12 -14.10 2.78
C PRO A 35 -28.23 -12.64 3.17
N LEU A 36 -27.09 -11.92 3.34
CA LEU A 36 -27.15 -10.49 3.61
C LEU A 36 -27.31 -9.68 2.33
N LEU A 37 -26.64 -10.06 1.24
CA LEU A 37 -26.64 -9.23 0.04
C LEU A 37 -28.01 -9.20 -0.63
N GLU A 38 -28.84 -10.24 -0.44
CA GLU A 38 -30.19 -10.23 -1.02
C GLU A 38 -31.03 -9.05 -0.55
N GLN A 39 -30.64 -8.37 0.52
CA GLN A 39 -31.40 -7.28 1.10
C GLN A 39 -30.93 -5.90 0.64
N HIS A 40 -30.00 -5.82 -0.31
CA HIS A 40 -29.47 -4.55 -0.79
C HIS A 40 -29.53 -4.51 -2.31
N ALA A 41 -29.26 -3.32 -2.87
CA ALA A 41 -29.22 -3.13 -4.32
C ALA A 41 -27.80 -3.34 -4.85
N LEU A 42 -27.66 -4.20 -5.87
CA LEU A 42 -26.36 -4.62 -6.38
C LEU A 42 -26.17 -4.21 -7.84
N SER A 43 -24.97 -3.68 -8.15
CA SER A 43 -24.48 -3.48 -9.51
C SER A 43 -23.07 -4.05 -9.63
N ALA A 44 -22.72 -4.54 -10.83
CA ALA A 44 -21.41 -5.11 -11.09
C ALA A 44 -20.96 -4.78 -12.52
N THR A 45 -19.64 -4.79 -12.74
CA THR A 45 -19.06 -4.38 -14.03
C THR A 45 -18.70 -5.60 -14.88
N GLY A 46 -19.04 -5.54 -16.17
CA GLY A 46 -18.59 -6.54 -17.13
C GLY A 46 -19.15 -7.94 -16.85
N THR A 47 -18.31 -8.95 -17.11
CA THR A 47 -18.75 -10.33 -16.99
C THR A 47 -18.97 -10.78 -15.54
N THR A 48 -18.58 -9.97 -14.55
CA THR A 48 -18.82 -10.33 -13.16
C THR A 48 -20.31 -10.50 -12.87
N GLY A 49 -21.17 -9.72 -13.52
CA GLY A 49 -22.60 -9.86 -13.33
C GLY A 49 -23.13 -11.19 -13.85
N ASN A 50 -22.61 -11.66 -15.00
CA ASN A 50 -23.01 -12.98 -15.49
C ASN A 50 -22.68 -14.05 -14.46
N LEU A 51 -21.42 -14.06 -14.01
CA LEU A 51 -20.94 -15.01 -12.99
C LEU A 51 -21.87 -15.05 -11.78
N ILE A 52 -22.25 -13.88 -11.27
CA ILE A 52 -23.07 -13.81 -10.05
C ILE A 52 -24.48 -14.36 -10.31
N GLU A 53 -25.12 -13.94 -11.40
CA GLU A 53 -26.47 -14.43 -11.70
C GLU A 53 -26.46 -15.94 -11.95
N ARG A 54 -25.42 -16.43 -12.63
CA ARG A 54 -25.30 -17.85 -12.94
C ARG A 54 -25.16 -18.70 -11.68
N GLU A 55 -24.32 -18.26 -10.72
CA GLU A 55 -23.94 -19.09 -9.59
C GLU A 55 -24.76 -18.84 -8.33
N THR A 56 -25.58 -17.79 -8.29
CA THR A 56 -26.43 -17.50 -7.14
C THR A 56 -27.80 -17.07 -7.67
N GLY A 57 -28.71 -16.75 -6.75
CA GLY A 57 -29.98 -16.20 -7.17
C GLY A 57 -30.06 -14.69 -7.01
N LEU A 58 -28.93 -14.01 -7.05
CA LEU A 58 -28.91 -12.57 -6.85
C LEU A 58 -29.13 -11.84 -8.17
N ASN A 59 -29.77 -10.67 -8.08
CA ASN A 59 -30.08 -9.84 -9.26
C ASN A 59 -29.18 -8.61 -9.24
N VAL A 60 -28.53 -8.32 -10.37
CA VAL A 60 -27.47 -7.32 -10.45
C VAL A 60 -27.70 -6.43 -11.68
N ASN A 61 -27.52 -5.10 -11.51
CA ASN A 61 -27.46 -4.21 -12.67
C ASN A 61 -26.16 -4.44 -13.43
N ALA A 62 -26.27 -4.58 -14.75
CA ALA A 62 -25.09 -4.71 -15.58
C ALA A 62 -24.51 -3.33 -15.82
N MET A 63 -23.20 -3.20 -15.63
CA MET A 63 -22.47 -2.03 -16.08
C MET A 63 -21.33 -2.51 -16.97
N LEU A 64 -20.80 -1.59 -17.78
CA LEU A 64 -19.71 -1.88 -18.69
C LEU A 64 -18.51 -2.46 -17.94
N SER A 65 -17.70 -3.23 -18.66
CA SER A 65 -16.45 -3.71 -18.07
C SER A 65 -15.49 -2.54 -17.84
N GLY A 66 -14.56 -2.73 -16.91
CA GLY A 66 -13.59 -1.71 -16.56
C GLY A 66 -12.88 -1.03 -17.73
N PRO A 67 -12.28 -1.83 -18.62
CA PRO A 67 -11.53 -1.24 -19.75
C PRO A 67 -12.41 -0.47 -20.74
N MET A 68 -13.71 -0.70 -20.75
CA MET A 68 -14.61 -0.03 -21.68
C MET A 68 -15.39 1.11 -21.04
N GLY A 69 -15.14 1.43 -19.78
CA GLY A 69 -15.78 2.60 -19.18
C GLY A 69 -16.50 2.35 -17.88
N GLY A 70 -16.60 1.08 -17.46
CA GLY A 70 -17.38 0.75 -16.28
C GLY A 70 -16.91 1.44 -15.01
N ASP A 71 -15.58 1.62 -14.86
CA ASP A 71 -15.08 2.26 -13.65
C ASP A 71 -15.53 3.72 -13.56
N GLN A 72 -15.65 4.40 -14.70
CA GLN A 72 -16.12 5.79 -14.71
C GLN A 72 -17.63 5.88 -14.51
N GLN A 73 -18.41 4.91 -15.01
CA GLN A 73 -19.81 4.81 -14.61
C GLN A 73 -19.95 4.74 -13.08
N VAL A 74 -19.18 3.85 -12.43
CA VAL A 74 -19.29 3.74 -10.97
C VAL A 74 -18.86 5.04 -10.30
N GLY A 75 -17.73 5.60 -10.74
CA GLY A 75 -17.26 6.86 -10.16
C GLY A 75 -18.29 7.96 -10.26
N ALA A 76 -18.86 8.17 -11.47
CA ALA A 76 -19.92 9.14 -11.66
C ALA A 76 -21.06 8.98 -10.66
N GLN A 77 -21.57 7.75 -10.50
CA GLN A 77 -22.66 7.52 -9.55
C GLN A 77 -22.24 7.75 -8.10
N ILE A 78 -20.98 7.45 -7.76
CA ILE A 78 -20.49 7.76 -6.43
C ILE A 78 -20.54 9.26 -6.19
N SER A 79 -20.01 10.05 -7.13
CA SER A 79 -19.98 11.49 -6.90
C SER A 79 -21.39 12.08 -6.88
N GLU A 80 -22.35 11.46 -7.57
CA GLU A 80 -23.73 11.91 -7.53
C GLU A 80 -24.48 11.42 -6.29
N GLY A 81 -23.82 10.70 -5.38
CA GLY A 81 -24.48 10.14 -4.21
C GLY A 81 -25.44 9.02 -4.49
N LYS A 82 -25.28 8.30 -5.60
CA LYS A 82 -26.17 7.21 -5.96
C LYS A 82 -25.61 5.83 -5.63
N ILE A 83 -24.31 5.71 -5.39
CA ILE A 83 -23.68 4.47 -4.96
C ILE A 83 -23.16 4.69 -3.56
N ASP A 84 -23.44 3.74 -2.66
CA ASP A 84 -23.16 3.87 -1.23
C ASP A 84 -21.95 3.09 -0.73
N VAL A 85 -21.59 1.99 -1.39
CA VAL A 85 -20.53 1.09 -0.93
C VAL A 85 -19.79 0.57 -2.16
N LEU A 86 -18.46 0.47 -2.07
CA LEU A 86 -17.67 -0.02 -3.18
C LEU A 86 -16.82 -1.22 -2.73
N ILE A 87 -17.05 -2.38 -3.35
CA ILE A 87 -16.20 -3.55 -3.17
C ILE A 87 -15.36 -3.68 -4.45
N PHE A 88 -14.06 -3.35 -4.38
CA PHE A 88 -13.18 -3.22 -5.55
C PHE A 88 -11.94 -4.08 -5.38
N PHE A 89 -12.03 -5.35 -5.80
CA PHE A 89 -10.88 -6.28 -5.79
C PHE A 89 -10.09 -6.09 -7.08
N TRP A 90 -9.21 -5.07 -7.08
CA TRP A 90 -8.26 -4.88 -8.16
C TRP A 90 -7.00 -5.74 -7.92
N ASP A 91 -6.25 -5.99 -9.00
CA ASP A 91 -5.17 -6.98 -8.97
C ASP A 91 -3.82 -6.30 -8.74
N PRO A 92 -3.24 -6.41 -7.55
CA PRO A 92 -1.93 -5.77 -7.29
C PRO A 92 -0.73 -6.53 -7.84
N LEU A 93 -0.94 -7.67 -8.51
CA LEU A 93 0.15 -8.45 -9.08
C LEU A 93 0.06 -8.56 -10.61
N ASN A 94 -0.75 -7.74 -11.27
CA ASN A 94 -0.83 -7.74 -12.72
C ASN A 94 -1.07 -6.32 -13.19
N ALA A 95 -0.36 -5.89 -14.21
CA ALA A 95 -0.57 -4.55 -14.72
C ALA A 95 -1.81 -4.54 -15.61
N VAL A 96 -2.60 -3.47 -15.52
CA VAL A 96 -3.78 -3.35 -16.37
C VAL A 96 -3.63 -2.08 -17.21
N PRO A 97 -4.14 -2.08 -18.45
CA PRO A 97 -4.05 -0.86 -19.28
C PRO A 97 -4.97 0.26 -18.82
N HIS A 98 -6.05 -0.04 -18.11
CA HIS A 98 -6.94 1.03 -17.63
C HIS A 98 -6.61 1.43 -16.19
N ASP A 99 -5.35 1.27 -15.78
CA ASP A 99 -4.91 1.72 -14.46
C ASP A 99 -5.30 3.15 -14.12
N PRO A 100 -5.28 4.14 -15.03
CA PRO A 100 -5.79 5.46 -14.62
C PRO A 100 -7.25 5.45 -14.19
N ASP A 101 -8.12 4.68 -14.87
CA ASP A 101 -9.51 4.56 -14.42
C ASP A 101 -9.56 3.95 -13.03
N VAL A 102 -8.75 2.91 -12.78
CA VAL A 102 -8.72 2.24 -11.47
C VAL A 102 -8.36 3.25 -10.37
N LYS A 103 -7.29 4.03 -10.58
CA LYS A 103 -6.86 4.97 -9.55
C LYS A 103 -7.86 6.13 -9.39
N ALA A 104 -8.46 6.59 -10.50
CA ALA A 104 -9.44 7.67 -10.41
C ALA A 104 -10.69 7.23 -9.66
N LEU A 105 -11.12 5.99 -9.86
CA LEU A 105 -12.24 5.47 -9.09
C LEU A 105 -11.91 5.41 -7.59
N LEU A 106 -10.72 4.96 -7.22
CA LEU A 106 -10.37 4.93 -5.80
C LEU A 106 -10.21 6.35 -5.24
N ARG A 107 -9.65 7.27 -6.03
CA ARG A 107 -9.58 8.67 -5.60
C ARG A 107 -10.96 9.24 -5.25
N LEU A 108 -11.97 8.99 -6.08
CA LEU A 108 -13.28 9.58 -5.84
C LEU A 108 -13.99 8.90 -4.67
N ALA A 109 -13.81 7.60 -4.48
CA ALA A 109 -14.36 6.96 -3.29
C ALA A 109 -13.77 7.56 -2.01
N THR A 110 -12.52 8.04 -2.07
CA THR A 110 -11.91 8.74 -0.95
C THR A 110 -12.45 10.16 -0.77
N VAL A 111 -12.64 10.93 -1.85
CA VAL A 111 -13.15 12.30 -1.68
C VAL A 111 -14.56 12.26 -1.10
N TRP A 112 -15.41 11.33 -1.55
CA TRP A 112 -16.81 11.30 -1.16
C TRP A 112 -17.09 10.37 0.01
N ASN A 113 -16.04 9.77 0.58
CA ASN A 113 -16.06 9.14 1.90
C ASN A 113 -17.10 8.01 2.01
N ILE A 114 -17.13 7.14 1.00
CA ILE A 114 -18.01 5.99 1.09
C ILE A 114 -17.24 4.76 1.56
N PRO A 115 -17.89 3.83 2.26
CA PRO A 115 -17.24 2.56 2.59
C PRO A 115 -16.65 1.86 1.37
N VAL A 116 -15.33 1.60 1.39
CA VAL A 116 -14.66 0.97 0.27
C VAL A 116 -13.73 -0.11 0.79
N ALA A 117 -13.75 -1.28 0.14
CA ALA A 117 -12.84 -2.38 0.46
C ALA A 117 -12.07 -2.78 -0.78
N THR A 118 -10.75 -3.00 -0.63
CA THR A 118 -9.95 -3.54 -1.73
C THR A 118 -9.48 -4.98 -1.48
N ASN A 119 -9.76 -5.57 -0.32
CA ASN A 119 -9.40 -6.97 -0.08
C ASN A 119 -10.48 -7.65 0.75
N LEU A 120 -10.30 -8.97 0.95
CA LEU A 120 -11.31 -9.76 1.66
C LEU A 120 -11.46 -9.30 3.11
N VAL A 121 -10.35 -9.08 3.81
CA VAL A 121 -10.48 -8.79 5.25
C VAL A 121 -11.27 -7.51 5.47
N THR A 122 -11.04 -6.50 4.61
CA THR A 122 -11.76 -5.23 4.76
C THR A 122 -13.22 -5.36 4.35
N ALA A 123 -13.49 -6.18 3.32
CA ALA A 123 -14.87 -6.38 2.87
C ALA A 123 -15.71 -7.05 3.95
N ASP A 124 -15.14 -8.07 4.63
CA ASP A 124 -15.85 -8.74 5.72
C ASP A 124 -16.12 -7.78 6.89
N PHE A 125 -15.15 -6.94 7.27
CA PHE A 125 -15.42 -6.00 8.36
C PHE A 125 -16.62 -5.10 8.05
N ILE A 126 -16.76 -4.69 6.79
CA ILE A 126 -17.86 -3.79 6.42
C ILE A 126 -19.20 -4.54 6.42
N ILE A 127 -19.28 -5.64 5.67
CA ILE A 127 -20.58 -6.29 5.47
C ILE A 127 -21.08 -6.93 6.74
N GLN A 128 -20.18 -7.37 7.61
CA GLN A 128 -20.58 -8.06 8.83
C GLN A 128 -20.91 -7.12 9.98
N SER A 129 -20.60 -5.84 9.83
CA SER A 129 -20.84 -4.89 10.92
C SER A 129 -22.33 -4.78 11.22
N PRO A 130 -22.71 -4.71 12.50
CA PRO A 130 -24.13 -4.47 12.82
C PRO A 130 -24.67 -3.14 12.29
N GLN A 131 -23.82 -2.22 11.85
CA GLN A 131 -24.29 -0.96 11.28
C GLN A 131 -24.61 -1.05 9.79
N PHE A 132 -24.25 -2.14 9.13
CA PHE A 132 -24.34 -2.15 7.67
C PHE A 132 -25.77 -2.05 7.17
N ASN A 133 -26.75 -2.56 7.91
CA ASN A 133 -28.13 -2.54 7.43
C ASN A 133 -28.96 -1.43 8.05
N ASP A 134 -28.32 -0.40 8.58
CA ASP A 134 -29.00 0.74 9.16
C ASP A 134 -28.54 2.01 8.45
N PRO A 135 -29.31 3.09 8.52
CA PRO A 135 -28.84 4.36 7.96
C PRO A 135 -27.48 4.71 8.53
N VAL A 136 -26.62 5.30 7.71
CA VAL A 136 -25.27 5.67 8.11
C VAL A 136 -25.06 7.11 7.71
N GLU A 137 -24.76 7.96 8.69
CA GLU A 137 -24.47 9.35 8.45
C GLU A 137 -22.97 9.50 8.22
N ILE A 138 -22.58 10.10 7.10
CA ILE A 138 -21.18 10.26 6.71
C ILE A 138 -20.87 11.72 6.46
N LEU A 139 -19.62 12.10 6.75
CA LEU A 139 -19.12 13.45 6.48
C LEU A 139 -18.64 13.56 5.03
N ILE A 140 -19.14 14.57 4.31
CA ILE A 140 -18.83 14.72 2.88
C ILE A 140 -18.43 16.17 2.60
N PRO A 141 -17.69 16.39 1.52
CA PRO A 141 -17.41 17.78 1.09
C PRO A 141 -18.70 18.56 0.81
N ASP A 142 -18.67 19.85 1.16
CA ASP A 142 -19.79 20.76 0.85
C ASP A 142 -19.53 21.34 -0.52
N TYR A 143 -20.16 20.76 -1.54
CA TYR A 143 -19.85 21.09 -2.92
C TYR A 143 -20.25 22.52 -3.26
N GLN A 144 -21.45 22.95 -2.85
CA GLN A 144 -21.90 24.31 -3.15
C GLN A 144 -20.95 25.35 -2.55
N ARG A 145 -20.54 25.16 -1.30
CA ARG A 145 -19.60 26.11 -0.70
C ARG A 145 -18.23 26.01 -1.37
N TYR A 146 -17.82 24.80 -1.76
CA TYR A 146 -16.55 24.65 -2.48
C TYR A 146 -16.58 25.38 -3.82
N LEU A 147 -17.68 25.24 -4.56
CA LEU A 147 -17.84 25.97 -5.80
C LEU A 147 -17.78 27.46 -5.57
N ALA A 148 -18.52 27.94 -4.55
CA ALA A 148 -18.57 29.38 -4.29
C ALA A 148 -17.18 29.96 -4.09
N ASP A 149 -16.27 29.20 -3.48
CA ASP A 149 -14.91 29.69 -3.26
C ASP A 149 -14.09 29.74 -4.55
N ARG A 150 -14.37 28.86 -5.52
CA ARG A 150 -13.61 28.87 -6.77
C ARG A 150 -14.01 30.01 -7.70
N LEU A 151 -15.21 30.55 -7.57
CA LEU A 151 -15.61 31.70 -8.37
C LEU A 151 -14.93 32.99 -7.91
N GLU B 2 -2.11 -19.37 -5.71
CA GLU B 2 -1.94 -20.27 -4.57
C GLU B 2 -1.93 -19.51 -3.25
N LEU B 3 -2.84 -19.88 -2.36
CA LEU B 3 -3.04 -19.22 -1.08
C LEU B 3 -2.53 -20.07 0.08
N THR B 4 -2.24 -19.37 1.18
CA THR B 4 -2.00 -19.95 2.49
C THR B 4 -2.74 -19.07 3.52
N THR B 5 -2.52 -19.30 4.81
CA THR B 5 -3.17 -18.46 5.81
C THR B 5 -2.14 -17.92 6.78
N ARG B 6 -2.51 -16.81 7.42
CA ARG B 6 -1.75 -16.15 8.47
C ARG B 6 -2.77 -15.70 9.50
N THR B 7 -2.33 -15.59 10.75
CA THR B 7 -3.20 -15.25 11.86
C THR B 7 -2.99 -13.80 12.29
N LEU B 8 -4.02 -12.97 12.16
CA LEU B 8 -3.92 -11.65 12.76
C LEU B 8 -4.30 -11.76 14.24
N PRO B 9 -3.50 -11.21 15.15
CA PRO B 9 -3.74 -11.43 16.58
C PRO B 9 -4.88 -10.56 17.10
N ALA B 10 -5.39 -10.97 18.26
CA ALA B 10 -6.42 -10.18 18.95
C ALA B 10 -5.93 -8.77 19.23
N ARG B 11 -4.74 -8.63 19.78
CA ARG B 11 -4.14 -7.33 20.07
C ARG B 11 -3.31 -6.95 18.85
N LYS B 12 -3.68 -5.85 18.18
CA LYS B 12 -3.20 -5.55 16.85
C LYS B 12 -2.18 -4.42 16.84
N HIS B 13 -1.29 -4.45 15.84
CA HIS B 13 -0.35 -3.35 15.58
C HIS B 13 -0.91 -2.49 14.45
N ILE B 14 -1.26 -1.25 14.77
CA ILE B 14 -2.03 -0.36 13.90
C ILE B 14 -1.13 0.78 13.43
N ALA B 15 -1.04 0.95 12.11
CA ALA B 15 -0.25 2.03 11.52
C ALA B 15 -1.20 3.18 11.17
N LEU B 16 -0.82 4.39 11.54
CA LEU B 16 -1.65 5.58 11.37
C LEU B 16 -0.89 6.58 10.51
N VAL B 17 -1.38 6.83 9.29
CA VAL B 17 -0.67 7.59 8.27
C VAL B 17 -1.61 8.64 7.69
N ALA B 18 -1.18 9.91 7.67
CA ALA B 18 -2.01 10.99 7.16
C ALA B 18 -1.18 12.02 6.40
N HIS B 19 -1.70 12.46 5.24
CA HIS B 19 -1.15 13.60 4.52
C HIS B 19 -1.47 14.93 5.23
N ASP B 20 -0.74 15.98 4.86
CA ASP B 20 -0.72 17.21 5.66
C ASP B 20 -2.11 17.77 5.92
N HIS B 21 -2.89 18.00 4.87
CA HIS B 21 -4.25 18.51 5.05
C HIS B 21 -5.20 17.49 5.65
N CME B 22 -4.71 16.29 5.94
CA CME B 22 -5.57 15.26 6.48
CB CME B 22 -5.58 13.98 5.63
SG CME B 22 -5.94 14.24 3.91
SD CME B 22 -7.96 14.76 3.74
CE CME B 22 -8.14 15.27 2.07
CZ CME B 22 -9.00 16.51 1.86
OH CME B 22 -8.20 17.43 1.13
C CME B 22 -5.17 14.89 7.92
O CME B 22 -6.10 14.18 8.59
N LYS B 23 -4.21 15.59 8.51
CA LYS B 23 -3.78 15.26 9.87
C LYS B 23 -4.83 15.66 10.91
N GLN B 24 -5.53 16.79 10.68
CA GLN B 24 -6.59 17.15 11.62
C GLN B 24 -7.77 16.21 11.53
N MET B 25 -8.01 15.64 10.34
CA MET B 25 -9.06 14.64 10.23
C MET B 25 -8.69 13.37 10.95
N LEU B 26 -7.41 12.98 10.90
CA LEU B 26 -6.97 11.78 11.60
C LEU B 26 -7.04 11.97 13.12
N ILE B 27 -6.64 13.13 13.63
CA ILE B 27 -6.64 13.34 15.08
C ILE B 27 -8.06 13.37 15.60
N ASN B 28 -9.01 13.89 14.82
CA ASN B 28 -10.40 13.86 15.28
C ASN B 28 -10.93 12.44 15.33
N TRP B 29 -10.48 11.58 14.41
CA TRP B 29 -10.89 10.19 14.43
C TRP B 29 -10.31 9.48 15.66
N VAL B 30 -9.02 9.68 15.94
CA VAL B 30 -8.42 9.05 17.11
C VAL B 30 -9.13 9.49 18.38
N LYS B 31 -9.45 10.78 18.48
CA LYS B 31 -10.13 11.30 19.68
C LYS B 31 -11.48 10.62 19.89
N ARG B 32 -12.24 10.39 18.83
CA ARG B 32 -13.54 9.74 18.95
C ARG B 32 -13.46 8.26 19.34
N HIS B 33 -12.30 7.63 19.19
CA HIS B 33 -12.20 6.20 19.47
C HIS B 33 -11.06 5.90 20.43
N GLN B 34 -10.75 6.83 21.33
CA GLN B 34 -9.67 6.67 22.31
C GLN B 34 -9.73 5.32 23.05
N PRO B 35 -10.84 4.97 23.71
CA PRO B 35 -10.84 3.72 24.50
C PRO B 35 -10.69 2.46 23.64
N LEU B 36 -11.05 2.53 22.37
CA LEU B 36 -10.88 1.43 21.43
C LEU B 36 -9.42 1.27 20.96
N LEU B 37 -8.63 2.33 20.95
CA LEU B 37 -7.24 2.25 20.50
C LEU B 37 -6.23 2.02 21.62
N GLU B 38 -6.60 2.19 22.88
CA GLU B 38 -5.59 2.34 23.93
C GLU B 38 -4.82 1.05 24.23
N GLN B 39 -5.39 -0.12 24.01
CA GLN B 39 -4.66 -1.33 24.34
C GLN B 39 -3.99 -1.98 23.15
N HIS B 40 -4.21 -1.47 21.94
CA HIS B 40 -3.48 -1.92 20.77
C HIS B 40 -2.15 -1.17 20.67
N ALA B 41 -1.26 -1.66 19.79
CA ALA B 41 0.01 -0.98 19.55
C ALA B 41 -0.15 -0.05 18.36
N LEU B 42 0.31 1.20 18.51
CA LEU B 42 0.14 2.26 17.52
C LEU B 42 1.49 2.74 16.99
N SER B 43 1.55 2.98 15.67
CA SER B 43 2.69 3.59 15.00
C SER B 43 2.19 4.67 14.04
N ALA B 44 3.02 5.67 13.77
CA ALA B 44 2.62 6.73 12.86
C ALA B 44 3.84 7.41 12.24
N THR B 45 3.64 7.95 11.05
CA THR B 45 4.70 8.58 10.26
C THR B 45 4.84 10.07 10.58
N GLY B 46 6.06 10.57 10.52
CA GLY B 46 6.26 12.00 10.72
C GLY B 46 6.04 12.40 12.17
N THR B 47 5.38 13.53 12.37
CA THR B 47 5.08 14.02 13.71
C THR B 47 3.64 13.77 14.13
N THR B 48 2.88 13.03 13.33
CA THR B 48 1.51 12.73 13.70
C THR B 48 1.44 12.04 15.07
N GLY B 49 2.40 11.15 15.34
CA GLY B 49 2.42 10.48 16.63
C GLY B 49 2.52 11.44 17.80
N ASN B 50 3.36 12.45 17.67
CA ASN B 50 3.49 13.42 18.76
C ASN B 50 2.25 14.30 18.88
N LEU B 51 1.57 14.56 17.77
CA LEU B 51 0.31 15.28 17.86
C LEU B 51 -0.76 14.44 18.56
N ILE B 52 -0.81 13.15 18.26
CA ILE B 52 -1.76 12.27 18.96
C ILE B 52 -1.44 12.22 20.45
N GLU B 53 -0.14 12.14 20.76
CA GLU B 53 0.27 11.98 22.15
C GLU B 53 -0.09 13.20 22.99
N ARG B 54 0.11 14.40 22.46
CA ARG B 54 -0.16 15.60 23.22
C ARG B 54 -1.64 15.85 23.39
N GLU B 55 -2.47 15.35 22.48
CA GLU B 55 -3.89 15.66 22.56
C GLU B 55 -4.71 14.60 23.27
N THR B 56 -4.19 13.37 23.42
CA THR B 56 -5.02 12.29 23.94
C THR B 56 -4.35 11.51 25.06
N GLY B 57 -3.02 11.50 25.08
CA GLY B 57 -2.29 10.68 26.03
C GLY B 57 -1.90 9.30 25.54
N LEU B 58 -2.34 8.89 24.36
CA LEU B 58 -1.96 7.58 23.83
C LEU B 58 -0.49 7.57 23.48
N ASN B 59 0.16 6.43 23.72
CA ASN B 59 1.52 6.22 23.22
C ASN B 59 1.48 5.84 21.74
N VAL B 60 2.33 6.47 20.93
CA VAL B 60 2.44 6.19 19.51
C VAL B 60 3.92 6.10 19.15
N ASN B 61 4.32 4.97 18.58
CA ASN B 61 5.69 4.82 18.11
C ASN B 61 5.94 5.64 16.84
N ALA B 62 7.08 6.31 16.78
CA ALA B 62 7.40 7.20 15.67
C ALA B 62 8.11 6.48 14.52
N MET B 63 7.79 6.87 13.30
CA MET B 63 8.54 6.47 12.11
C MET B 63 8.80 7.71 11.25
N LEU B 64 9.57 7.53 10.18
CA LEU B 64 9.90 8.64 9.31
C LEU B 64 8.65 9.19 8.62
N SER B 65 8.69 10.48 8.27
CA SER B 65 7.59 11.05 7.49
C SER B 65 7.57 10.44 6.08
N GLY B 66 6.41 10.49 5.45
CA GLY B 66 6.23 9.94 4.13
C GLY B 66 7.33 10.33 3.14
N PRO B 67 7.55 11.64 2.95
CA PRO B 67 8.58 12.05 1.99
C PRO B 67 9.96 11.51 2.28
N MET B 68 10.28 11.19 3.54
CA MET B 68 11.61 10.71 3.91
C MET B 68 11.73 9.19 3.96
N GLY B 69 10.64 8.44 3.78
CA GLY B 69 10.73 6.98 3.73
C GLY B 69 9.76 6.19 4.60
N GLY B 70 8.97 6.86 5.42
CA GLY B 70 8.11 6.15 6.37
C GLY B 70 7.09 5.22 5.73
N ASP B 71 6.57 5.58 4.54
CA ASP B 71 5.60 4.69 3.86
C ASP B 71 6.23 3.35 3.51
N GLN B 72 7.51 3.36 3.12
CA GLN B 72 8.20 2.10 2.84
C GLN B 72 8.51 1.35 4.14
N GLN B 73 8.79 2.07 5.22
CA GLN B 73 8.93 1.42 6.52
C GLN B 73 7.64 0.70 6.91
N VAL B 74 6.49 1.37 6.77
CA VAL B 74 5.20 0.73 7.03
C VAL B 74 5.01 -0.46 6.09
N GLY B 75 5.26 -0.26 4.80
CA GLY B 75 5.01 -1.33 3.84
C GLY B 75 5.86 -2.57 4.08
N ALA B 76 7.13 -2.37 4.47
CA ALA B 76 8.02 -3.50 4.73
C ALA B 76 7.48 -4.34 5.88
N GLN B 77 6.95 -3.68 6.92
CA GLN B 77 6.46 -4.41 8.09
C GLN B 77 5.17 -5.14 7.78
N ILE B 78 4.27 -4.53 7.00
CA ILE B 78 3.08 -5.23 6.53
C ILE B 78 3.48 -6.57 5.91
N SER B 79 4.43 -6.53 4.97
CA SER B 79 4.79 -7.73 4.23
C SER B 79 5.55 -8.75 5.10
N GLU B 80 6.18 -8.30 6.18
CA GLU B 80 6.81 -9.21 7.14
C GLU B 80 5.83 -9.73 8.20
N GLY B 81 4.56 -9.37 8.13
CA GLY B 81 3.59 -9.82 9.10
C GLY B 81 3.66 -9.11 10.43
N LYS B 82 4.12 -7.86 10.44
CA LYS B 82 4.35 -7.15 11.69
C LYS B 82 3.36 -6.00 11.94
N ILE B 83 2.72 -5.50 10.90
CA ILE B 83 1.65 -4.51 11.05
C ILE B 83 0.35 -5.14 10.56
N ASP B 84 -0.71 -5.03 11.35
CA ASP B 84 -1.93 -5.77 11.11
C ASP B 84 -3.06 -4.93 10.54
N VAL B 85 -3.01 -3.61 10.66
CA VAL B 85 -4.09 -2.70 10.27
C VAL B 85 -3.45 -1.43 9.73
N LEU B 86 -4.03 -0.83 8.68
CA LEU B 86 -3.52 0.42 8.15
C LEU B 86 -4.67 1.43 8.01
N ILE B 87 -4.56 2.55 8.71
CA ILE B 87 -5.45 3.70 8.54
C ILE B 87 -4.65 4.76 7.80
N PHE B 88 -4.99 5.01 6.53
CA PHE B 88 -4.16 5.81 5.61
C PHE B 88 -5.03 6.91 5.01
N PHE B 89 -5.09 8.06 5.66
CA PHE B 89 -5.87 9.19 5.16
C PHE B 89 -5.00 10.00 4.19
N TRP B 90 -4.82 9.47 2.98
CA TRP B 90 -4.09 10.20 1.96
C TRP B 90 -4.99 11.26 1.32
N ASP B 91 -4.36 12.23 0.63
CA ASP B 91 -5.05 13.43 0.18
C ASP B 91 -5.40 13.35 -1.29
N PRO B 92 -6.66 13.14 -1.66
CA PRO B 92 -7.05 13.03 -3.06
C PRO B 92 -7.23 14.37 -3.77
N LEU B 93 -6.96 15.49 -3.09
CA LEU B 93 -7.09 16.81 -3.68
C LEU B 93 -5.79 17.61 -3.69
N ASN B 94 -4.66 16.97 -3.36
CA ASN B 94 -3.35 17.61 -3.50
C ASN B 94 -2.34 16.60 -4.01
N ALA B 95 -1.53 17.00 -4.99
CA ALA B 95 -0.46 16.16 -5.51
C ALA B 95 0.72 16.15 -4.55
N VAL B 96 1.27 14.96 -4.30
CA VAL B 96 2.43 14.85 -3.41
C VAL B 96 3.60 14.26 -4.19
N PRO B 97 4.84 14.70 -3.92
CA PRO B 97 6.00 14.17 -4.67
C PRO B 97 6.28 12.70 -4.41
N HIS B 98 5.85 12.15 -3.27
CA HIS B 98 6.06 10.73 -3.01
C HIS B 98 4.81 9.90 -3.34
N ASP B 99 4.02 10.32 -4.32
CA ASP B 99 2.89 9.50 -4.76
C ASP B 99 3.27 8.06 -5.12
N PRO B 100 4.41 7.77 -5.77
CA PRO B 100 4.81 6.35 -5.93
C PRO B 100 4.81 5.59 -4.62
N ASP B 101 5.41 6.18 -3.56
CA ASP B 101 5.41 5.56 -2.23
C ASP B 101 3.98 5.36 -1.72
N VAL B 102 3.10 6.33 -1.97
CA VAL B 102 1.69 6.20 -1.56
C VAL B 102 1.05 5.00 -2.23
N LYS B 103 1.21 4.88 -3.56
CA LYS B 103 0.55 3.77 -4.26
C LYS B 103 1.23 2.44 -3.95
N ALA B 104 2.55 2.44 -3.74
CA ALA B 104 3.24 1.20 -3.40
C ALA B 104 2.77 0.64 -2.06
N LEU B 105 2.55 1.52 -1.07
CA LEU B 105 2.10 1.08 0.24
C LEU B 105 0.69 0.48 0.16
N LEU B 106 -0.24 1.17 -0.52
CA LEU B 106 -1.59 0.62 -0.68
C LEU B 106 -1.56 -0.68 -1.47
N ARG B 107 -0.67 -0.79 -2.47
CA ARG B 107 -0.56 -2.04 -3.21
C ARG B 107 -0.24 -3.20 -2.28
N LEU B 108 0.71 -3.01 -1.34
CA LEU B 108 1.11 -4.09 -0.44
C LEU B 108 0.02 -4.41 0.57
N ALA B 109 -0.71 -3.39 1.04
CA ALA B 109 -1.83 -3.67 1.94
C ALA B 109 -2.91 -4.49 1.24
N THR B 110 -3.04 -4.33 -0.08
CA THR B 110 -3.96 -5.20 -0.81
C THR B 110 -3.38 -6.61 -0.99
N VAL B 111 -2.13 -6.70 -1.50
CA VAL B 111 -1.45 -8.00 -1.65
C VAL B 111 -1.59 -8.86 -0.39
N TRP B 112 -1.31 -8.27 0.78
CA TRP B 112 -1.19 -9.04 2.01
C TRP B 112 -2.46 -9.07 2.83
N ASN B 113 -3.53 -8.47 2.33
CA ASN B 113 -4.90 -8.68 2.84
C ASN B 113 -5.04 -8.30 4.32
N ILE B 114 -4.60 -7.09 4.66
CA ILE B 114 -4.86 -6.59 6.01
C ILE B 114 -6.01 -5.59 5.92
N PRO B 115 -6.79 -5.41 7.00
CA PRO B 115 -7.81 -4.36 7.00
C PRO B 115 -7.18 -2.99 6.77
N VAL B 116 -7.71 -2.23 5.82
CA VAL B 116 -7.11 -0.97 5.42
C VAL B 116 -8.23 0.01 5.07
N ALA B 117 -8.21 1.19 5.69
CA ALA B 117 -9.20 2.24 5.47
C ALA B 117 -8.52 3.47 4.90
N THR B 118 -9.10 4.05 3.84
CA THR B 118 -8.59 5.27 3.21
C THR B 118 -9.50 6.46 3.46
N ASN B 119 -10.52 6.31 4.29
CA ASN B 119 -11.41 7.43 4.60
C ASN B 119 -12.10 7.13 5.92
N LEU B 120 -12.85 8.14 6.41
CA LEU B 120 -13.46 8.11 7.74
C LEU B 120 -14.44 6.97 7.92
N VAL B 121 -15.33 6.77 6.96
CA VAL B 121 -16.41 5.81 7.16
C VAL B 121 -15.88 4.39 7.12
N THR B 122 -14.88 4.14 6.27
CA THR B 122 -14.26 2.81 6.29
C THR B 122 -13.59 2.58 7.63
N ALA B 123 -12.87 3.59 8.15
CA ALA B 123 -12.18 3.44 9.43
C ALA B 123 -13.16 3.20 10.57
N ASP B 124 -14.35 3.81 10.50
CA ASP B 124 -15.38 3.57 11.51
C ASP B 124 -15.88 2.13 11.43
N PHE B 125 -16.17 1.64 10.22
CA PHE B 125 -16.64 0.26 10.11
C PHE B 125 -15.62 -0.71 10.67
N ILE B 126 -14.32 -0.43 10.51
CA ILE B 126 -13.30 -1.36 11.00
C ILE B 126 -13.19 -1.30 12.51
N ILE B 127 -12.93 -0.11 13.06
CA ILE B 127 -12.59 0.03 14.47
C ILE B 127 -13.80 -0.23 15.40
N GLN B 128 -15.03 0.00 14.93
CA GLN B 128 -16.20 -0.21 15.76
C GLN B 128 -16.76 -1.62 15.64
N SER B 129 -16.11 -2.48 14.89
CA SER B 129 -16.67 -3.79 14.60
C SER B 129 -16.55 -4.72 15.81
N PRO B 130 -17.57 -5.51 16.11
CA PRO B 130 -17.44 -6.50 17.18
C PRO B 130 -16.32 -7.52 16.94
N GLN B 131 -15.76 -7.62 15.74
CA GLN B 131 -14.64 -8.54 15.51
C GLN B 131 -13.26 -7.89 15.63
N PHE B 132 -13.16 -6.58 15.86
CA PHE B 132 -11.84 -5.95 15.82
C PHE B 132 -10.90 -6.54 16.86
N ASN B 133 -11.42 -6.94 18.01
CA ASN B 133 -10.61 -7.50 19.08
C ASN B 133 -10.46 -9.00 19.04
N ASP B 134 -10.89 -9.65 17.98
CA ASP B 134 -10.79 -11.09 17.80
C ASP B 134 -9.56 -11.42 16.96
N PRO B 135 -8.92 -12.57 17.19
CA PRO B 135 -7.95 -13.07 16.20
C PRO B 135 -8.67 -13.30 14.87
N VAL B 136 -7.93 -13.12 13.77
CA VAL B 136 -8.52 -13.22 12.44
C VAL B 136 -7.59 -14.07 11.58
N GLU B 137 -8.16 -15.11 10.96
CA GLU B 137 -7.42 -15.94 10.03
C GLU B 137 -7.67 -15.44 8.61
N ILE B 138 -6.61 -15.06 7.91
CA ILE B 138 -6.76 -14.38 6.63
C ILE B 138 -6.04 -15.19 5.57
N LEU B 139 -6.60 -15.17 4.36
CA LEU B 139 -5.91 -15.76 3.22
C LEU B 139 -4.86 -14.78 2.68
N ILE B 140 -3.69 -15.32 2.36
CA ILE B 140 -2.56 -14.53 1.83
C ILE B 140 -1.89 -15.32 0.72
N PRO B 141 -1.08 -14.65 -0.11
CA PRO B 141 -0.25 -15.40 -1.07
C PRO B 141 0.69 -16.36 -0.37
N ASP B 142 0.94 -17.51 -1.01
CA ASP B 142 1.91 -18.49 -0.52
C ASP B 142 3.23 -18.21 -1.20
N TYR B 143 4.13 -17.50 -0.50
CA TYR B 143 5.34 -16.98 -1.10
C TYR B 143 6.21 -18.12 -1.67
N GLN B 144 6.42 -19.18 -0.90
CA GLN B 144 7.07 -20.39 -1.43
C GLN B 144 6.22 -21.10 -2.50
N GLU C 2 19.65 22.57 5.15
CA GLU C 2 19.05 21.43 5.84
C GLU C 2 19.79 20.13 5.52
N LEU C 3 21.04 20.24 5.08
CA LEU C 3 21.88 19.07 4.80
C LEU C 3 22.85 18.81 5.95
N THR C 4 23.11 17.52 6.21
CA THR C 4 24.17 17.12 7.13
C THR C 4 25.03 16.08 6.44
N THR C 5 25.71 15.23 7.20
CA THR C 5 26.72 14.36 6.61
C THR C 5 26.60 12.97 7.24
N ARG C 6 26.96 11.95 6.47
CA ARG C 6 27.12 10.62 7.05
C ARG C 6 28.20 9.88 6.31
N THR C 7 28.77 8.88 6.98
CA THR C 7 29.94 8.17 6.50
C THR C 7 29.54 6.76 6.06
N LEU C 8 29.68 6.47 4.79
CA LEU C 8 29.55 5.08 4.38
C LEU C 8 30.80 4.33 4.80
N PRO C 9 30.68 3.15 5.39
CA PRO C 9 31.89 2.44 5.85
C PRO C 9 32.65 1.86 4.67
N ALA C 10 33.92 1.53 4.94
CA ALA C 10 34.76 0.97 3.89
C ALA C 10 34.19 -0.34 3.36
N ARG C 11 33.62 -1.15 4.25
CA ARG C 11 32.89 -2.36 3.88
C ARG C 11 31.43 -1.96 3.65
N LYS C 12 31.00 -1.91 2.40
CA LYS C 12 29.66 -1.43 2.06
C LYS C 12 28.65 -2.57 2.16
N HIS C 13 27.42 -2.24 2.57
CA HIS C 13 26.29 -3.15 2.45
C HIS C 13 25.58 -2.84 1.12
N ILE C 14 25.74 -3.74 0.14
CA ILE C 14 25.29 -3.54 -1.23
C ILE C 14 23.98 -4.29 -1.43
N ALA C 15 23.00 -3.63 -2.05
CA ALA C 15 21.75 -4.27 -2.43
C ALA C 15 21.72 -4.51 -3.94
N LEU C 16 21.43 -5.75 -4.34
CA LEU C 16 21.43 -6.19 -5.73
C LEU C 16 20.01 -6.56 -6.11
N VAL C 17 19.43 -5.85 -7.07
CA VAL C 17 18.02 -5.99 -7.46
C VAL C 17 17.93 -6.07 -8.98
N ALA C 18 17.29 -7.13 -9.48
CA ALA C 18 17.10 -7.32 -10.92
C ALA C 18 15.69 -7.80 -11.21
N HIS C 19 15.05 -7.18 -12.21
CA HIS C 19 13.84 -7.73 -12.79
C HIS C 19 14.16 -9.00 -13.58
N ASP C 20 13.10 -9.71 -13.98
CA ASP C 20 13.27 -11.09 -14.45
C ASP C 20 14.16 -11.17 -15.68
N HIS C 21 13.93 -10.34 -16.69
CA HIS C 21 14.71 -10.45 -17.91
C HIS C 21 16.09 -9.80 -17.78
N CME C 22 16.43 -9.32 -16.59
CA CME C 22 17.68 -8.60 -16.37
CB CME C 22 17.53 -7.20 -15.76
SG CME C 22 16.44 -6.11 -16.64
SD CME C 22 17.35 -5.86 -18.51
CE CME C 22 18.32 -4.38 -18.45
CZ CME C 22 19.23 -4.26 -17.23
OH CME C 22 19.65 -2.90 -17.09
C CME C 22 18.61 -9.42 -15.46
O CME C 22 19.78 -9.08 -15.22
N LYS C 23 18.08 -10.51 -14.91
CA LYS C 23 18.79 -11.38 -13.97
C LYS C 23 20.12 -11.86 -14.54
N GLN C 24 20.09 -12.26 -15.80
CA GLN C 24 21.29 -12.74 -16.46
C GLN C 24 22.37 -11.66 -16.48
N MET C 25 22.00 -10.42 -16.82
CA MET C 25 23.01 -9.37 -16.86
C MET C 25 23.61 -9.11 -15.48
N LEU C 26 22.78 -9.17 -14.44
CA LEU C 26 23.28 -8.96 -13.08
C LEU C 26 24.23 -10.06 -12.65
N ILE C 27 23.92 -11.31 -12.97
CA ILE C 27 24.85 -12.36 -12.55
C ILE C 27 26.15 -12.27 -13.33
N ASN C 28 26.11 -11.84 -14.61
CA ASN C 28 27.35 -11.67 -15.36
C ASN C 28 28.19 -10.55 -14.77
N TRP C 29 27.54 -9.45 -14.36
CA TRP C 29 28.24 -8.37 -13.68
C TRP C 29 28.90 -8.87 -12.38
N VAL C 30 28.17 -9.69 -11.60
CA VAL C 30 28.73 -10.21 -10.35
C VAL C 30 29.95 -11.09 -10.61
N LYS C 31 29.85 -12.00 -11.58
CA LYS C 31 30.95 -12.89 -11.91
C LYS C 31 32.18 -12.12 -12.40
N ARG C 32 31.98 -11.00 -13.12
CA ARG C 32 33.11 -10.19 -13.57
C ARG C 32 33.83 -9.47 -12.44
N HIS C 33 33.14 -9.22 -11.31
CA HIS C 33 33.67 -8.37 -10.25
C HIS C 33 33.78 -9.10 -8.91
N GLN C 34 33.77 -10.44 -8.93
CA GLN C 34 33.89 -11.28 -7.73
C GLN C 34 34.98 -10.86 -6.75
N PRO C 35 36.24 -10.67 -7.14
CA PRO C 35 37.25 -10.30 -6.14
C PRO C 35 36.94 -8.99 -5.43
N LEU C 36 36.27 -8.05 -6.09
CA LEU C 36 35.91 -6.80 -5.44
C LEU C 36 34.76 -7.00 -4.46
N LEU C 37 33.72 -7.72 -4.88
CA LEU C 37 32.51 -7.89 -4.07
C LEU C 37 32.72 -8.74 -2.83
N GLU C 38 33.76 -9.59 -2.81
CA GLU C 38 33.98 -10.47 -1.68
C GLU C 38 34.28 -9.71 -0.40
N GLN C 39 34.70 -8.45 -0.49
CA GLN C 39 34.99 -7.64 0.69
C GLN C 39 33.80 -6.85 1.17
N HIS C 40 32.60 -7.09 0.64
CA HIS C 40 31.43 -6.32 1.03
C HIS C 40 30.29 -7.24 1.42
N ALA C 41 29.30 -6.68 2.12
CA ALA C 41 28.10 -7.40 2.52
C ALA C 41 27.03 -7.29 1.44
N LEU C 42 26.43 -8.41 1.06
CA LEU C 42 25.54 -8.47 -0.08
C LEU C 42 24.15 -8.91 0.34
N SER C 43 23.12 -8.22 -0.18
CA SER C 43 21.72 -8.61 -0.04
C SER C 43 21.07 -8.53 -1.42
N ALA C 44 20.04 -9.36 -1.62
CA ALA C 44 19.40 -9.42 -2.94
C ALA C 44 17.94 -9.82 -2.77
N THR C 45 17.07 -9.22 -3.58
CA THR C 45 15.64 -9.52 -3.54
C THR C 45 15.32 -10.81 -4.30
N GLY C 46 14.36 -11.57 -3.76
CA GLY C 46 13.88 -12.74 -4.47
C GLY C 46 14.83 -13.93 -4.40
N THR C 47 14.93 -14.70 -5.48
CA THR C 47 15.85 -15.83 -5.55
C THR C 47 17.24 -15.43 -6.02
N THR C 48 17.43 -14.18 -6.45
CA THR C 48 18.69 -13.72 -7.01
C THR C 48 19.87 -14.06 -6.10
N GLY C 49 19.68 -14.00 -4.77
CA GLY C 49 20.74 -14.37 -3.85
C GLY C 49 21.15 -15.83 -3.97
N ASN C 50 20.18 -16.73 -4.16
CA ASN C 50 20.53 -18.14 -4.30
C ASN C 50 21.23 -18.42 -5.62
N LEU C 51 20.87 -17.68 -6.67
CA LEU C 51 21.59 -17.80 -7.93
C LEU C 51 23.05 -17.39 -7.79
N ILE C 52 23.30 -16.25 -7.12
CA ILE C 52 24.67 -15.75 -6.96
C ILE C 52 25.52 -16.75 -6.18
N GLU C 53 24.98 -17.28 -5.08
CA GLU C 53 25.76 -18.15 -4.20
C GLU C 53 26.11 -19.47 -4.88
N ARG C 54 25.21 -19.98 -5.73
CA ARG C 54 25.48 -21.22 -6.45
C ARG C 54 26.59 -21.04 -7.48
N GLU C 55 26.69 -19.87 -8.09
CA GLU C 55 27.64 -19.63 -9.17
C GLU C 55 28.94 -18.98 -8.72
N THR C 56 29.00 -18.42 -7.50
CA THR C 56 30.22 -17.78 -7.03
C THR C 56 30.69 -18.20 -5.66
N GLY C 57 29.83 -18.80 -4.83
CA GLY C 57 30.14 -18.99 -3.43
C GLY C 57 30.11 -17.74 -2.57
N LEU C 58 29.78 -16.58 -3.14
CA LEU C 58 29.57 -15.36 -2.35
C LEU C 58 28.37 -15.52 -1.42
N ASN C 59 28.46 -14.88 -0.24
CA ASN C 59 27.36 -14.89 0.73
C ASN C 59 26.39 -13.76 0.42
N VAL C 60 25.09 -14.06 0.40
CA VAL C 60 24.08 -13.08 0.01
C VAL C 60 22.86 -13.22 0.92
N ASN C 61 22.48 -12.14 1.59
CA ASN C 61 21.32 -12.15 2.46
C ASN C 61 20.04 -12.00 1.64
N ALA C 62 19.07 -12.91 1.83
CA ALA C 62 17.89 -12.92 0.97
C ALA C 62 16.79 -12.00 1.50
N MET C 63 16.08 -11.36 0.58
CA MET C 63 14.95 -10.51 0.91
C MET C 63 13.79 -10.89 0.00
N LEU C 64 12.61 -10.39 0.33
CA LEU C 64 11.42 -10.68 -0.47
C LEU C 64 11.62 -10.21 -1.90
N SER C 65 10.96 -10.90 -2.83
CA SER C 65 10.92 -10.45 -4.21
C SER C 65 10.20 -9.10 -4.30
N GLY C 66 10.47 -8.38 -5.39
CA GLY C 66 9.88 -7.06 -5.63
C GLY C 66 8.36 -7.02 -5.50
N PRO C 67 7.67 -7.88 -6.26
CA PRO C 67 6.20 -7.93 -6.17
C PRO C 67 5.64 -8.14 -4.77
N MET C 68 6.34 -8.88 -3.90
CA MET C 68 5.86 -9.18 -2.56
C MET C 68 6.31 -8.17 -1.51
N GLY C 69 7.10 -7.15 -1.89
CA GLY C 69 7.51 -6.12 -0.95
C GLY C 69 9.01 -5.92 -0.75
N GLY C 70 9.84 -6.63 -1.52
CA GLY C 70 11.27 -6.51 -1.34
C GLY C 70 11.82 -5.13 -1.64
N ASP C 71 11.25 -4.42 -2.62
CA ASP C 71 11.77 -3.09 -2.94
C ASP C 71 11.58 -2.15 -1.75
N GLN C 72 10.46 -2.28 -1.03
CA GLN C 72 10.19 -1.48 0.15
C GLN C 72 11.04 -1.90 1.36
N GLN C 73 11.33 -3.19 1.52
CA GLN C 73 12.37 -3.56 2.49
C GLN C 73 13.69 -2.85 2.18
N VAL C 74 14.08 -2.82 0.89
CA VAL C 74 15.33 -2.15 0.53
C VAL C 74 15.23 -0.66 0.82
N GLY C 75 14.13 -0.02 0.39
CA GLY C 75 13.98 1.40 0.65
C GLY C 75 14.00 1.74 2.14
N ALA C 76 13.35 0.91 2.96
CA ALA C 76 13.32 1.22 4.39
C ALA C 76 14.73 1.23 4.96
N GLN C 77 15.55 0.22 4.61
CA GLN C 77 16.92 0.18 5.11
C GLN C 77 17.77 1.33 4.56
N ILE C 78 17.54 1.75 3.31
CA ILE C 78 18.25 2.92 2.80
C ILE C 78 17.97 4.13 3.69
N SER C 79 16.70 4.34 4.05
CA SER C 79 16.35 5.52 4.83
C SER C 79 16.88 5.43 6.25
N GLU C 80 16.99 4.21 6.79
CA GLU C 80 17.59 3.97 8.10
C GLU C 80 19.11 4.02 8.08
N GLY C 81 19.73 4.21 6.92
CA GLY C 81 21.17 4.25 6.87
C GLY C 81 21.85 2.92 7.04
N LYS C 82 21.16 1.81 6.70
CA LYS C 82 21.73 0.47 6.82
C LYS C 82 22.17 -0.14 5.50
N ILE C 83 21.75 0.41 4.35
CA ILE C 83 22.21 -0.01 3.03
C ILE C 83 22.97 1.16 2.45
N ASP C 84 24.17 0.89 1.90
CA ASP C 84 25.07 1.94 1.47
C ASP C 84 25.15 2.11 -0.05
N VAL C 85 24.78 1.09 -0.83
CA VAL C 85 24.90 1.09 -2.29
C VAL C 85 23.74 0.28 -2.87
N LEU C 86 23.23 0.72 -4.02
CA LEU C 86 22.13 0.03 -4.71
C LEU C 86 22.48 -0.17 -6.19
N ILE C 87 22.44 -1.42 -6.61
CA ILE C 87 22.60 -1.82 -8.00
C ILE C 87 21.24 -2.37 -8.42
N PHE C 88 20.49 -1.60 -9.23
CA PHE C 88 19.09 -1.88 -9.54
C PHE C 88 19.00 -2.03 -11.05
N PHE C 89 19.03 -3.28 -11.54
CA PHE C 89 18.90 -3.55 -12.97
C PHE C 89 17.42 -3.74 -13.30
N TRP C 90 16.69 -2.63 -13.35
CA TRP C 90 15.27 -2.71 -13.70
C TRP C 90 15.10 -2.76 -15.23
N ASP C 91 13.95 -3.27 -15.66
CA ASP C 91 13.75 -3.56 -17.08
C ASP C 91 13.03 -2.43 -17.78
N PRO C 92 13.68 -1.66 -18.67
CA PRO C 92 12.99 -0.59 -19.40
C PRO C 92 12.13 -1.03 -20.58
N LEU C 93 12.00 -2.33 -20.85
CA LEU C 93 11.28 -2.79 -22.03
C LEU C 93 10.18 -3.76 -21.69
N ASN C 94 9.84 -3.92 -20.42
CA ASN C 94 8.65 -4.63 -20.00
C ASN C 94 8.00 -3.89 -18.83
N ALA C 95 6.68 -3.91 -18.79
CA ALA C 95 5.96 -3.25 -17.70
C ALA C 95 5.73 -4.23 -16.56
N VAL C 96 5.94 -3.78 -15.32
CA VAL C 96 5.75 -4.64 -14.14
C VAL C 96 4.60 -4.14 -13.27
N PRO C 97 3.91 -5.02 -12.53
CA PRO C 97 2.78 -4.54 -11.72
C PRO C 97 3.20 -3.76 -10.48
N HIS C 98 4.45 -3.90 -10.02
CA HIS C 98 4.93 -3.14 -8.87
C HIS C 98 5.74 -1.91 -9.29
N ASP C 99 5.40 -1.30 -10.43
CA ASP C 99 6.08 -0.08 -10.87
C ASP C 99 6.07 1.05 -9.83
N PRO C 100 4.98 1.31 -9.09
CA PRO C 100 5.11 2.30 -8.00
C PRO C 100 6.21 1.94 -7.01
N ASP C 101 6.36 0.66 -6.65
CA ASP C 101 7.45 0.26 -5.77
C ASP C 101 8.82 0.59 -6.39
N VAL C 102 8.96 0.34 -7.70
CA VAL C 102 10.22 0.57 -8.39
C VAL C 102 10.60 2.05 -8.34
N LYS C 103 9.66 2.93 -8.69
CA LYS C 103 9.95 4.35 -8.67
C LYS C 103 10.12 4.86 -7.25
N ALA C 104 9.40 4.28 -6.29
CA ALA C 104 9.54 4.71 -4.90
C ALA C 104 10.93 4.37 -4.36
N LEU C 105 11.48 3.20 -4.74
CA LEU C 105 12.84 2.86 -4.28
C LEU C 105 13.87 3.82 -4.89
N LEU C 106 13.71 4.19 -6.16
CA LEU C 106 14.67 5.09 -6.80
C LEU C 106 14.56 6.51 -6.27
N ARG C 107 13.34 6.96 -5.91
CA ARG C 107 13.17 8.27 -5.29
C ARG C 107 13.92 8.36 -3.96
N LEU C 108 13.84 7.31 -3.13
CA LEU C 108 14.49 7.31 -1.81
C LEU C 108 16.01 7.22 -1.93
N ALA C 109 16.50 6.39 -2.85
CA ALA C 109 17.92 6.34 -3.10
C ALA C 109 18.44 7.70 -3.55
N THR C 110 17.58 8.49 -4.22
CA THR C 110 17.94 9.86 -4.57
C THR C 110 17.89 10.76 -3.34
N VAL C 111 16.78 10.71 -2.58
CA VAL C 111 16.65 11.47 -1.33
C VAL C 111 17.88 11.26 -0.45
N TRP C 112 18.23 10.00 -0.18
CA TRP C 112 19.26 9.70 0.79
C TRP C 112 20.66 9.63 0.18
N ASN C 113 20.77 9.96 -1.11
CA ASN C 113 22.05 10.25 -1.77
C ASN C 113 23.10 9.13 -1.59
N ILE C 114 22.68 7.89 -1.81
CA ILE C 114 23.63 6.76 -1.84
C ILE C 114 24.03 6.49 -3.27
N PRO C 115 25.22 5.93 -3.52
CA PRO C 115 25.57 5.52 -4.89
C PRO C 115 24.54 4.53 -5.43
N VAL C 116 24.03 4.80 -6.64
CA VAL C 116 23.02 3.94 -7.26
C VAL C 116 23.29 3.79 -8.75
N ALA C 117 23.25 2.56 -9.24
CA ALA C 117 23.40 2.25 -10.66
C ALA C 117 22.10 1.68 -11.19
N THR C 118 21.63 2.22 -12.31
CA THR C 118 20.42 1.74 -12.96
C THR C 118 20.73 1.05 -14.28
N ASN C 119 22.01 0.87 -14.62
CA ASN C 119 22.38 0.13 -15.82
C ASN C 119 23.79 -0.41 -15.67
N LEU C 120 24.24 -1.13 -16.71
CA LEU C 120 25.48 -1.89 -16.63
C LEU C 120 26.71 -0.99 -16.58
N VAL C 121 26.71 0.09 -17.36
CA VAL C 121 27.94 0.89 -17.43
C VAL C 121 28.12 1.72 -16.18
N THR C 122 27.02 2.17 -15.56
CA THR C 122 27.13 2.92 -14.32
C THR C 122 27.62 2.03 -13.19
N ALA C 123 27.15 0.79 -13.15
CA ALA C 123 27.62 -0.15 -12.14
C ALA C 123 29.14 -0.36 -12.24
N ASP C 124 29.66 -0.53 -13.47
CA ASP C 124 31.10 -0.69 -13.61
C ASP C 124 31.86 0.54 -13.11
N PHE C 125 31.36 1.74 -13.39
CA PHE C 125 32.04 2.94 -12.93
C PHE C 125 32.12 2.98 -11.41
N ILE C 126 31.03 2.60 -10.74
CA ILE C 126 31.00 2.65 -9.28
C ILE C 126 31.98 1.64 -8.70
N ILE C 127 31.78 0.37 -8.99
CA ILE C 127 32.53 -0.64 -8.25
C ILE C 127 34.02 -0.62 -8.62
N GLN C 128 34.37 -0.16 -9.83
CA GLN C 128 35.78 -0.06 -10.24
C GLN C 128 36.47 1.18 -9.70
N SER C 129 35.73 2.07 -9.03
CA SER C 129 36.36 3.26 -8.48
C SER C 129 37.33 2.89 -7.37
N PRO C 130 38.50 3.52 -7.32
CA PRO C 130 39.40 3.32 -6.17
C PRO C 130 38.82 3.81 -4.86
N GLN C 131 37.81 4.70 -4.90
CA GLN C 131 37.15 5.14 -3.66
C GLN C 131 36.16 4.13 -3.11
N PHE C 132 35.87 3.05 -3.85
CA PHE C 132 34.73 2.21 -3.49
C PHE C 132 34.97 1.40 -2.21
N ASN C 133 36.22 1.01 -1.94
CA ASN C 133 36.51 0.23 -0.75
C ASN C 133 37.14 1.08 0.36
N ASP C 134 36.90 2.37 0.33
CA ASP C 134 37.32 3.22 1.43
C ASP C 134 36.10 3.90 2.02
N PRO C 135 36.19 4.49 3.22
CA PRO C 135 35.06 5.27 3.73
C PRO C 135 34.71 6.43 2.81
N VAL C 136 33.41 6.71 2.71
CA VAL C 136 32.87 7.72 1.80
C VAL C 136 31.94 8.62 2.60
N GLU C 137 32.29 9.90 2.70
CA GLU C 137 31.41 10.91 3.29
C GLU C 137 30.37 11.35 2.26
N ILE C 138 29.07 11.29 2.63
CA ILE C 138 28.00 11.68 1.72
C ILE C 138 27.13 12.74 2.39
N LEU C 139 26.65 13.69 1.58
CA LEU C 139 25.69 14.67 2.08
C LEU C 139 24.31 14.04 2.15
N ILE C 140 23.56 14.36 3.22
CA ILE C 140 22.23 13.80 3.43
C ILE C 140 21.33 14.83 4.08
N PRO C 141 20.02 14.67 3.93
CA PRO C 141 19.08 15.55 4.64
C PRO C 141 19.21 15.40 6.15
N ASP C 142 19.12 16.52 6.85
CA ASP C 142 19.22 16.54 8.31
C ASP C 142 17.82 16.35 8.85
N TYR C 143 17.43 15.09 9.05
CA TYR C 143 16.07 14.83 9.49
C TYR C 143 15.86 15.26 10.93
N GLN C 144 16.87 15.05 11.79
CA GLN C 144 16.74 15.40 13.20
C GLN C 144 16.42 16.86 13.40
N ARG C 145 16.62 17.71 12.38
CA ARG C 145 15.95 19.00 12.34
C ARG C 145 14.44 18.79 12.28
N TYR C 146 13.80 19.11 11.16
CA TYR C 146 12.37 18.83 11.02
C TYR C 146 11.93 19.01 9.57
C FMT D . -12.23 -2.79 -13.14
O1 FMT D . -11.37 -1.91 -13.13
O2 FMT D . -12.19 -3.81 -13.86
C FMT E . 2.31 9.69 3.76
O1 FMT E . 2.34 9.50 2.53
O2 FMT E . 2.95 10.56 4.37
C FMT F . 12.18 -5.58 -8.09
O1 FMT F . 11.70 -4.56 -8.58
O2 FMT F . 12.09 -6.72 -8.59
#